data_6SGL
#
_entry.id   6SGL
#
_cell.length_a   87.914
_cell.length_b   87.914
_cell.length_c   97.010
_cell.angle_alpha   90.000
_cell.angle_beta   90.000
_cell.angle_gamma   120.000
#
_symmetry.space_group_name_H-M   'P 31 2 1'
#
loop_
_entity.id
_entity.type
_entity.pdbx_description
1 polymer 'Pyrimidine monooxygenase RutA'
2 non-polymer 'FLAVIN MONONUCLEOTIDE'
3 non-polymer URACIL
4 non-polymer 'SULFATE ION'
5 water water
#
_entity_poly.entity_id   1
_entity_poly.type   'polypeptide(L)'
_entity_poly.pdbx_seq_one_letter_code
;MMKIGVFVPIGNNGWLISTHAPQYMPTFELNKAIVQKAEHYHFDFALSMIKLRGFGGKTEFWDHNLESFTLMAGLAAVTS
RIQIYATAATLTLPPAIVARMAATIDSISGGRFGVNLVTGWQKPEYEQMGIWPGDDYFSRRYDYLTEYVQVLRDLWGTGK
SDFKGDFFTMNDCRVSPQPSVPMKVICAGQSDAGMAFSARYADFNFCFGKGVNTPTAFAPTAARMKQAAEQTGRDVGSYV
LFMVIADETDDAARAKWEHYKAGADEEALSWLTEQSQKDTRSGTDTNVRQMADPTSAVNINMGTLVGSYASVARMLDEVA
SVPGAEGVLLTFDDFLSGIETFGERIQPLMQCRAHLPALTQEVA
;
_entity_poly.pdbx_strand_id   AAA
#
# COMPACT_ATOMS: atom_id res chain seq x y z
N MET A 1 16.26 -11.60 -6.47
CA MET A 1 15.22 -11.83 -5.38
C MET A 1 14.50 -10.54 -4.98
N MET A 2 13.16 -10.64 -4.90
CA MET A 2 12.28 -9.48 -4.78
C MET A 2 11.15 -9.91 -3.84
N LYS A 3 10.65 -8.97 -3.03
CA LYS A 3 9.58 -9.23 -2.06
C LYS A 3 8.25 -8.98 -2.75
N ILE A 4 7.21 -9.72 -2.37
CA ILE A 4 5.89 -9.54 -2.96
C ILE A 4 4.91 -9.24 -1.84
N GLY A 5 4.08 -8.21 -1.99
CA GLY A 5 3.03 -8.01 -1.00
C GLY A 5 1.66 -7.98 -1.68
N VAL A 6 0.60 -8.05 -0.89
CA VAL A 6 -0.78 -7.96 -1.38
C VAL A 6 -1.40 -6.71 -0.79
N PHE A 7 -1.98 -5.90 -1.68
CA PHE A 7 -2.75 -4.72 -1.33
C PHE A 7 -4.19 -5.17 -1.10
N VAL A 8 -4.60 -5.26 0.18
CA VAL A 8 -5.83 -5.95 0.51
C VAL A 8 -7.03 -5.05 0.25
N PRO A 9 -8.12 -5.60 -0.32
CA PRO A 9 -9.28 -4.76 -0.68
C PRO A 9 -10.06 -4.38 0.57
N ILE A 10 -9.63 -3.31 1.20
CA ILE A 10 -10.33 -2.77 2.35
C ILE A 10 -11.50 -1.92 1.84
N GLY A 11 -11.53 -1.63 0.52
CA GLY A 11 -12.62 -0.89 -0.13
C GLY A 11 -13.37 -1.78 -1.13
N ASN A 12 -14.68 -1.54 -1.36
CA ASN A 12 -15.43 -2.44 -2.24
C ASN A 12 -14.92 -2.38 -3.69
N ASN A 13 -14.94 -3.55 -4.36
CA ASN A 13 -14.54 -3.78 -5.75
C ASN A 13 -13.04 -3.63 -5.94
N GLY A 14 -12.29 -3.49 -4.83
CA GLY A 14 -10.84 -3.49 -4.95
C GLY A 14 -10.38 -2.32 -5.80
N TRP A 15 -9.65 -2.59 -6.90
CA TRP A 15 -9.12 -1.45 -7.63
C TRP A 15 -9.70 -1.34 -9.05
N LEU A 16 -10.92 -1.85 -9.25
CA LEU A 16 -11.54 -1.76 -10.56
C LEU A 16 -12.84 -0.98 -10.46
N ILE A 17 -12.97 0.00 -11.35
CA ILE A 17 -14.11 0.90 -11.38
C ILE A 17 -14.92 0.53 -12.62
N SER A 18 -15.65 -0.60 -12.56
CA SER A 18 -16.22 -1.17 -13.77
C SER A 18 -17.38 -2.10 -13.41
N THR A 19 -18.47 -2.01 -14.21
CA THR A 19 -19.61 -2.87 -14.00
C THR A 19 -19.28 -4.28 -14.47
N HIS A 20 -18.14 -4.47 -15.17
CA HIS A 20 -17.79 -5.82 -15.61
C HIS A 20 -16.80 -6.50 -14.67
N ALA A 21 -16.28 -5.73 -13.71
CA ALA A 21 -15.38 -6.26 -12.68
C ALA A 21 -16.15 -7.03 -11.62
N PRO A 22 -15.50 -7.97 -10.92
CA PRO A 22 -16.11 -8.62 -9.76
C PRO A 22 -16.67 -7.57 -8.80
N GLN A 23 -17.91 -7.81 -8.31
CA GLN A 23 -18.56 -6.89 -7.38
C GLN A 23 -18.46 -7.51 -5.99
N TYR A 24 -17.91 -6.78 -5.00
CA TYR A 24 -17.73 -7.39 -3.68
C TYR A 24 -17.61 -6.29 -2.63
N MET A 25 -18.13 -6.57 -1.43
CA MET A 25 -17.94 -5.67 -0.31
C MET A 25 -16.65 -6.08 0.40
N PRO A 26 -15.92 -5.18 1.06
CA PRO A 26 -14.75 -5.62 1.81
C PRO A 26 -15.32 -6.09 3.16
N THR A 27 -15.12 -7.34 3.49
CA THR A 27 -15.55 -7.82 4.80
C THR A 27 -14.28 -8.32 5.47
N PHE A 28 -14.28 -8.38 6.81
CA PHE A 28 -13.19 -9.09 7.48
C PHE A 28 -12.95 -10.46 6.86
N GLU A 29 -14.01 -11.25 6.69
CA GLU A 29 -13.82 -12.64 6.32
C GLU A 29 -13.15 -12.75 4.96
N LEU A 30 -13.49 -11.87 4.02
CA LEU A 30 -12.86 -11.93 2.70
C LEU A 30 -11.35 -11.58 2.79
N ASN A 31 -11.03 -10.48 3.48
CA ASN A 31 -9.65 -10.06 3.69
C ASN A 31 -8.88 -11.13 4.44
N LYS A 32 -9.51 -11.73 5.44
CA LYS A 32 -8.99 -12.94 6.07
C LYS A 32 -8.66 -14.04 5.06
N ALA A 33 -9.61 -14.40 4.17
CA ALA A 33 -9.33 -15.49 3.23
C ALA A 33 -8.17 -15.08 2.30
N ILE A 34 -8.11 -13.79 1.93
CA ILE A 34 -7.10 -13.27 1.02
C ILE A 34 -5.70 -13.35 1.64
N VAL A 35 -5.58 -12.93 2.91
CA VAL A 35 -4.28 -12.82 3.55
C VAL A 35 -3.80 -14.19 3.97
N GLN A 36 -4.71 -15.08 4.34
CA GLN A 36 -4.28 -16.43 4.70
C GLN A 36 -3.82 -17.16 3.44
N LYS A 37 -4.44 -16.88 2.31
CA LYS A 37 -3.99 -17.47 1.05
C LYS A 37 -2.63 -16.87 0.63
N ALA A 38 -2.48 -15.55 0.72
CA ALA A 38 -1.20 -14.92 0.39
C ALA A 38 -0.08 -15.54 1.21
N GLU A 39 -0.36 -15.76 2.49
CA GLU A 39 0.61 -16.24 3.43
C GLU A 39 0.98 -17.67 3.05
N HIS A 40 -0.04 -18.47 2.68
CA HIS A 40 0.17 -19.82 2.23
C HIS A 40 1.18 -19.85 1.07
N TYR A 41 1.07 -18.86 0.15
CA TYR A 41 2.01 -18.76 -0.96
C TYR A 41 3.25 -17.92 -0.65
N HIS A 42 3.58 -17.74 0.63
CA HIS A 42 4.79 -17.03 1.03
C HIS A 42 4.86 -15.61 0.49
N PHE A 43 3.72 -14.92 0.34
CA PHE A 43 3.81 -13.48 0.14
C PHE A 43 4.53 -12.91 1.37
N ASP A 44 5.29 -11.83 1.15
CA ASP A 44 6.10 -11.27 2.22
C ASP A 44 5.25 -10.36 3.09
N PHE A 45 4.30 -9.64 2.50
CA PHE A 45 3.58 -8.72 3.35
C PHE A 45 2.17 -8.45 2.80
N ALA A 46 1.33 -7.83 3.62
CA ALA A 46 0.00 -7.39 3.26
C ALA A 46 -0.16 -5.98 3.80
N LEU A 47 -0.71 -5.07 2.99
CA LEU A 47 -0.92 -3.68 3.40
C LEU A 47 -2.38 -3.32 3.13
N SER A 48 -3.00 -2.60 4.06
CA SER A 48 -4.24 -1.96 3.63
C SER A 48 -4.04 -0.47 3.65
N MET A 49 -4.66 0.18 2.68
CA MET A 49 -4.85 1.62 2.68
C MET A 49 -5.89 2.06 3.72
N ILE A 50 -6.08 3.38 3.82
CA ILE A 50 -7.22 3.95 4.55
C ILE A 50 -7.91 4.90 3.55
N LYS A 51 -9.24 4.83 3.48
CA LYS A 51 -9.97 5.67 2.53
C LYS A 51 -11.33 6.08 3.11
N LEU A 52 -11.38 7.31 3.62
CA LEU A 52 -12.50 7.78 4.43
C LEU A 52 -13.67 8.31 3.58
N ARG A 53 -13.51 8.39 2.24
CA ARG A 53 -14.62 8.83 1.40
C ARG A 53 -14.57 8.11 0.05
N GLY A 54 -15.76 7.81 -0.53
CA GLY A 54 -15.86 7.08 -1.79
C GLY A 54 -15.94 8.01 -3.01
N PHE A 55 -16.14 7.40 -4.19
CA PHE A 55 -16.26 8.11 -5.46
C PHE A 55 -17.63 7.99 -6.13
N GLY A 56 -18.55 7.19 -5.55
CA GLY A 56 -19.94 7.11 -6.00
C GLY A 56 -20.14 6.26 -7.25
N GLY A 57 -21.16 6.61 -8.04
CA GLY A 57 -21.38 5.98 -9.33
C GLY A 57 -22.20 4.70 -9.24
N LYS A 58 -22.36 4.05 -10.40
CA LYS A 58 -23.11 2.80 -10.46
C LYS A 58 -22.54 1.81 -9.44
N THR A 59 -21.21 1.81 -9.24
CA THR A 59 -20.59 0.76 -8.42
C THR A 59 -20.34 1.27 -6.99
N GLU A 60 -20.64 2.55 -6.74
CA GLU A 60 -20.45 3.11 -5.40
C GLU A 60 -19.00 2.86 -4.96
N PHE A 61 -18.07 3.17 -5.88
CA PHE A 61 -16.68 2.77 -5.74
C PHE A 61 -16.06 3.42 -4.50
N TRP A 62 -15.63 2.55 -3.56
CA TRP A 62 -14.98 2.92 -2.30
C TRP A 62 -15.89 3.72 -1.38
N ASP A 63 -17.21 3.65 -1.61
CA ASP A 63 -18.17 4.12 -0.62
C ASP A 63 -18.10 3.27 0.67
N HIS A 64 -17.70 2.00 0.54
CA HIS A 64 -17.70 1.06 1.66
C HIS A 64 -16.26 0.70 1.97
N ASN A 65 -15.72 1.24 3.08
CA ASN A 65 -14.33 1.01 3.48
C ASN A 65 -14.26 0.67 4.97
N LEU A 66 -13.55 -0.41 5.34
CA LEU A 66 -13.22 -0.73 6.73
C LEU A 66 -12.06 0.18 7.18
N GLU A 67 -11.68 0.15 8.47
CA GLU A 67 -10.63 1.03 8.97
C GLU A 67 -9.35 0.19 9.16
N SER A 68 -8.20 0.77 8.76
CA SER A 68 -7.00 -0.02 8.48
C SER A 68 -6.42 -0.68 9.74
N PHE A 69 -6.24 0.08 10.84
CA PHE A 69 -5.65 -0.45 12.06
C PHE A 69 -6.47 -1.58 12.69
N THR A 70 -7.80 -1.41 12.79
CA THR A 70 -8.59 -2.49 13.35
C THR A 70 -8.62 -3.69 12.41
N LEU A 71 -8.74 -3.46 11.09
CA LEU A 71 -8.67 -4.59 10.17
C LEU A 71 -7.34 -5.37 10.33
N MET A 72 -6.21 -4.65 10.32
CA MET A 72 -4.89 -5.34 10.39
C MET A 72 -4.65 -6.00 11.75
N ALA A 73 -5.22 -5.45 12.85
CA ALA A 73 -5.20 -6.17 14.12
C ALA A 73 -5.95 -7.49 14.04
N GLY A 74 -7.13 -7.46 13.40
CA GLY A 74 -7.81 -8.74 13.20
C GLY A 74 -7.03 -9.73 12.34
N LEU A 75 -6.50 -9.28 11.19
CA LEU A 75 -5.70 -10.16 10.35
C LEU A 75 -4.42 -10.64 11.06
N ALA A 76 -3.84 -9.83 11.93
CA ALA A 76 -2.66 -10.27 12.68
C ALA A 76 -3.01 -11.47 13.56
N ALA A 77 -4.24 -11.51 14.08
CA ALA A 77 -4.61 -12.52 15.04
C ALA A 77 -4.87 -13.85 14.35
N VAL A 78 -4.96 -13.85 13.01
CA VAL A 78 -5.28 -15.07 12.28
C VAL A 78 -4.17 -15.43 11.29
N THR A 79 -2.97 -14.87 11.51
CA THR A 79 -1.85 -15.17 10.61
C THR A 79 -0.65 -15.52 11.49
N SER A 80 0.49 -15.91 10.89
CA SER A 80 1.62 -16.22 11.75
C SER A 80 2.99 -15.87 11.11
N ARG A 81 3.05 -15.49 9.83
CA ARG A 81 4.34 -15.33 9.18
C ARG A 81 4.36 -14.03 8.39
N ILE A 82 3.25 -13.73 7.71
CA ILE A 82 3.20 -12.59 6.80
C ILE A 82 3.41 -11.29 7.55
N GLN A 83 4.15 -10.31 6.97
CA GLN A 83 4.18 -8.99 7.61
C GLN A 83 2.84 -8.27 7.39
N ILE A 84 2.45 -7.39 8.33
CA ILE A 84 1.16 -6.72 8.34
C ILE A 84 1.42 -5.21 8.44
N TYR A 85 0.98 -4.42 7.45
CA TYR A 85 1.05 -2.97 7.52
C TYR A 85 -0.34 -2.32 7.47
N ALA A 86 -0.58 -1.39 8.41
CA ALA A 86 -1.75 -0.55 8.44
C ALA A 86 -1.33 0.84 8.02
N THR A 87 -2.26 1.62 7.45
CA THR A 87 -2.04 3.00 7.09
C THR A 87 -2.64 3.92 8.16
N ALA A 88 -1.83 4.84 8.70
CA ALA A 88 -2.34 5.96 9.50
C ALA A 88 -2.51 7.19 8.62
N ALA A 89 -3.74 7.71 8.54
CA ALA A 89 -3.94 8.99 7.91
C ALA A 89 -3.69 9.99 9.03
N THR A 90 -2.54 10.66 8.95
CA THR A 90 -1.97 11.31 10.11
C THR A 90 -2.81 12.48 10.64
N LEU A 91 -3.71 13.04 9.83
CA LEU A 91 -4.61 14.08 10.33
C LEU A 91 -5.68 13.52 11.29
N THR A 92 -5.87 12.19 11.30
CA THR A 92 -7.05 11.65 11.95
C THR A 92 -6.68 11.11 13.34
N LEU A 93 -5.42 10.73 13.57
CA LEU A 93 -5.10 10.05 14.82
C LEU A 93 -3.90 10.75 15.46
N PRO A 94 -3.96 11.10 16.76
CA PRO A 94 -2.79 11.65 17.47
C PRO A 94 -1.65 10.63 17.47
N PRO A 95 -0.37 11.08 17.39
CA PRO A 95 0.77 10.15 17.27
C PRO A 95 0.86 9.16 18.42
N ALA A 96 0.49 9.60 19.63
CA ALA A 96 0.63 8.69 20.74
C ALA A 96 -0.38 7.53 20.67
N ILE A 97 -1.54 7.73 20.02
CA ILE A 97 -2.50 6.65 19.87
C ILE A 97 -1.97 5.66 18.83
N VAL A 98 -1.51 6.19 17.71
CA VAL A 98 -0.86 5.37 16.70
C VAL A 98 0.30 4.60 17.32
N ALA A 99 1.08 5.27 18.20
CA ALA A 99 2.22 4.58 18.78
C ALA A 99 1.73 3.35 19.56
N ARG A 100 0.65 3.55 20.32
CA ARG A 100 0.18 2.49 21.20
C ARG A 100 -0.57 1.38 20.41
N MET A 101 -1.34 1.77 19.41
CA MET A 101 -1.92 0.79 18.49
C MET A 101 -0.83 -0.05 17.83
N ALA A 102 0.26 0.60 17.40
CA ALA A 102 1.33 -0.20 16.79
C ALA A 102 1.93 -1.19 17.78
N ALA A 103 2.18 -0.76 19.01
CA ALA A 103 2.64 -1.68 20.05
C ALA A 103 1.64 -2.81 20.28
N THR A 104 0.32 -2.49 20.20
CA THR A 104 -0.65 -3.52 20.45
C THR A 104 -0.60 -4.54 19.34
N ILE A 105 -0.54 -4.09 18.09
CA ILE A 105 -0.54 -5.07 17.02
C ILE A 105 0.83 -5.79 16.90
N ASP A 106 1.92 -5.13 17.33
CA ASP A 106 3.19 -5.83 17.61
C ASP A 106 2.96 -7.05 18.53
N SER A 107 2.20 -6.84 19.62
CA SER A 107 1.83 -7.92 20.53
C SER A 107 0.96 -8.99 19.87
N ILE A 108 -0.06 -8.60 19.12
CA ILE A 108 -0.91 -9.57 18.47
C ILE A 108 -0.08 -10.41 17.53
N SER A 109 0.75 -9.75 16.71
CA SER A 109 1.35 -10.45 15.59
C SER A 109 2.68 -11.14 15.95
N GLY A 110 3.19 -10.90 17.17
CA GLY A 110 4.54 -11.33 17.56
C GLY A 110 5.63 -10.72 16.69
N GLY A 111 5.58 -9.39 16.52
CA GLY A 111 6.64 -8.63 15.87
C GLY A 111 6.49 -8.55 14.34
N ARG A 112 5.27 -8.61 13.78
CA ARG A 112 5.15 -8.61 12.33
C ARG A 112 4.53 -7.32 11.80
N PHE A 113 4.38 -6.28 12.65
CA PHE A 113 3.59 -5.13 12.28
C PHE A 113 4.42 -3.91 11.88
N GLY A 114 3.95 -3.17 10.87
CA GLY A 114 4.49 -1.85 10.58
C GLY A 114 3.41 -0.87 10.17
N VAL A 115 3.83 0.37 9.94
CA VAL A 115 2.88 1.44 9.75
C VAL A 115 3.24 2.17 8.46
N ASN A 116 2.20 2.47 7.65
CA ASN A 116 2.35 3.27 6.45
C ASN A 116 1.81 4.66 6.81
N LEU A 117 2.69 5.67 6.77
CA LEU A 117 2.26 7.02 7.14
C LEU A 117 1.94 7.78 5.86
N VAL A 118 0.77 8.43 5.84
CA VAL A 118 0.34 9.24 4.71
C VAL A 118 -0.09 10.61 5.25
N THR A 119 0.13 11.62 4.41
CA THR A 119 -0.22 12.99 4.73
C THR A 119 -1.72 13.22 4.49
N GLY A 120 -2.25 12.54 3.47
CA GLY A 120 -3.61 12.76 3.01
C GLY A 120 -3.63 13.77 1.88
N TRP A 121 -4.13 13.34 0.72
CA TRP A 121 -4.22 14.20 -0.45
C TRP A 121 -5.66 14.73 -0.62
N GLN A 122 -6.64 13.83 -0.42
CA GLN A 122 -8.04 14.03 -0.79
C GLN A 122 -8.71 14.95 0.23
N LYS A 123 -8.72 16.26 -0.08
CA LYS A 123 -9.30 17.28 0.77
C LYS A 123 -10.68 16.86 1.30
N PRO A 124 -11.64 16.38 0.47
CA PRO A 124 -12.97 15.98 0.95
C PRO A 124 -13.00 14.90 2.05
N GLU A 125 -11.96 14.04 2.11
CA GLU A 125 -11.86 13.02 3.14
C GLU A 125 -11.80 13.65 4.54
N TYR A 126 -11.26 14.89 4.63
CA TYR A 126 -10.96 15.58 5.87
C TYR A 126 -11.94 16.72 6.09
N GLU A 127 -12.29 17.40 4.98
CA GLU A 127 -13.30 18.44 4.95
C GLU A 127 -14.59 17.91 5.59
N GLN A 128 -15.02 16.71 5.14
CA GLN A 128 -16.31 16.14 5.51
C GLN A 128 -16.45 16.03 7.03
N MET A 129 -15.33 15.98 7.76
CA MET A 129 -15.41 15.85 9.21
C MET A 129 -14.80 17.07 9.90
N GLY A 130 -14.62 18.17 9.15
CA GLY A 130 -14.15 19.43 9.69
C GLY A 130 -12.71 19.40 10.19
N ILE A 131 -11.83 18.60 9.56
CA ILE A 131 -10.48 18.48 10.12
C ILE A 131 -9.39 18.78 9.09
N TRP A 132 -9.76 19.37 7.95
CA TRP A 132 -8.79 19.83 6.96
C TRP A 132 -8.11 21.09 7.49
N PRO A 133 -6.75 21.18 7.52
CA PRO A 133 -6.08 22.36 8.09
C PRO A 133 -5.99 23.59 7.18
N GLY A 134 -6.72 23.59 6.05
CA GLY A 134 -6.67 24.69 5.10
C GLY A 134 -5.77 24.38 3.91
N ASP A 135 -5.52 25.39 3.06
CA ASP A 135 -4.78 25.13 1.83
C ASP A 135 -3.27 25.32 2.06
N ASP A 136 -2.91 25.85 3.24
CA ASP A 136 -1.58 25.80 3.80
C ASP A 136 -1.01 24.39 3.68
N TYR A 137 -1.89 23.39 3.75
CA TYR A 137 -1.49 22.02 4.06
C TYR A 137 -0.80 21.35 2.88
N PHE A 138 -1.33 21.52 1.66
CA PHE A 138 -0.65 20.99 0.50
C PHE A 138 0.86 21.23 0.64
N SER A 139 1.25 22.49 0.82
CA SER A 139 2.64 22.92 0.83
C SER A 139 3.38 22.46 2.10
N ARG A 140 2.66 22.20 3.19
CA ARG A 140 3.28 22.14 4.52
C ARG A 140 3.14 20.73 5.14
N ARG A 141 2.53 19.80 4.40
CA ARG A 141 2.15 18.50 4.94
C ARG A 141 3.35 17.69 5.42
N TYR A 142 4.52 17.88 4.80
CA TYR A 142 5.74 17.14 5.10
C TYR A 142 6.44 17.69 6.34
N ASP A 143 6.22 18.97 6.68
CA ASP A 143 6.69 19.43 7.99
C ASP A 143 5.83 18.75 9.05
N TYR A 144 4.54 18.67 8.76
CA TYR A 144 3.60 18.10 9.69
C TYR A 144 4.03 16.67 10.02
N LEU A 145 4.22 15.88 8.96
CA LEU A 145 4.58 14.46 9.08
C LEU A 145 5.94 14.29 9.79
N THR A 146 6.83 15.28 9.60
CA THR A 146 8.16 15.28 10.22
C THR A 146 8.00 15.33 11.73
N GLU A 147 7.17 16.25 12.20
CA GLU A 147 6.91 16.31 13.64
C GLU A 147 6.23 15.02 14.10
N TYR A 148 5.25 14.58 13.30
CA TYR A 148 4.47 13.43 13.72
C TYR A 148 5.43 12.27 13.97
N VAL A 149 6.34 12.03 13.03
CA VAL A 149 7.15 10.82 13.09
C VAL A 149 8.20 10.94 14.19
N GLN A 150 8.55 12.18 14.55
CA GLN A 150 9.51 12.34 15.63
C GLN A 150 8.88 11.89 16.94
N VAL A 151 7.59 12.24 17.11
CA VAL A 151 6.88 11.80 18.31
C VAL A 151 6.81 10.27 18.36
N LEU A 152 6.47 9.63 17.23
CA LEU A 152 6.41 8.17 17.21
C LEU A 152 7.79 7.56 17.51
N ARG A 153 8.84 8.14 16.90
CA ARG A 153 10.19 7.60 17.11
C ARG A 153 10.54 7.61 18.60
N ASP A 154 10.29 8.74 19.26
CA ASP A 154 10.55 8.81 20.70
C ASP A 154 9.79 7.72 21.44
N LEU A 155 8.50 7.57 21.10
CA LEU A 155 7.67 6.67 21.89
C LEU A 155 8.09 5.22 21.63
N TRP A 156 8.38 4.87 20.37
CA TRP A 156 8.75 3.48 20.14
C TRP A 156 10.17 3.20 20.66
N GLY A 157 11.02 4.22 20.61
CA GLY A 157 12.44 4.08 20.94
C GLY A 157 12.69 4.00 22.45
N THR A 158 12.13 4.96 23.18
CA THR A 158 12.44 5.06 24.60
C THR A 158 11.20 4.87 25.47
N GLY A 159 9.97 4.83 24.92
CA GLY A 159 8.79 4.81 25.79
C GLY A 159 8.30 6.21 26.20
N LYS A 160 8.93 7.28 25.69
CA LYS A 160 8.71 8.59 26.27
C LYS A 160 9.04 9.67 25.25
N SER A 161 8.30 10.79 25.23
CA SER A 161 8.60 11.91 24.34
C SER A 161 8.34 13.25 25.04
N ASP A 162 9.29 14.17 24.83
CA ASP A 162 9.17 15.55 25.28
C ASP A 162 9.12 16.48 24.09
N PHE A 163 8.98 15.89 22.90
CA PHE A 163 8.94 16.64 21.65
C PHE A 163 8.05 17.87 21.79
N LYS A 164 8.51 18.99 21.24
CA LYS A 164 7.73 20.21 21.17
C LYS A 164 8.00 20.88 19.82
N GLY A 165 6.95 21.18 19.06
CA GLY A 165 7.12 21.84 17.78
C GLY A 165 5.90 22.69 17.43
N ASP A 166 5.69 22.93 16.13
CA ASP A 166 4.60 23.77 15.65
C ASP A 166 3.26 23.06 15.77
N PHE A 167 3.27 21.71 15.69
CA PHE A 167 2.00 21.00 15.58
C PHE A 167 1.78 20.06 16.74
N PHE A 168 2.81 19.78 17.55
CA PHE A 168 2.67 18.85 18.66
C PHE A 168 3.41 19.36 19.89
N THR A 169 2.85 19.05 21.08
CA THR A 169 3.48 19.29 22.37
C THR A 169 3.36 18.05 23.24
N MET A 170 4.49 17.39 23.49
CA MET A 170 4.49 16.30 24.45
C MET A 170 5.07 16.84 25.76
N ASN A 171 4.45 16.46 26.89
CA ASN A 171 4.93 16.78 28.21
C ASN A 171 5.11 15.48 28.95
N ASP A 172 6.29 14.89 28.81
CA ASP A 172 6.55 13.58 29.39
C ASP A 172 5.48 12.56 28.95
N CYS A 173 5.17 12.51 27.64
CA CYS A 173 4.24 11.53 27.09
C CYS A 173 4.83 10.13 27.19
N ARG A 174 4.00 9.18 27.65
CA ARG A 174 4.44 7.82 27.92
C ARG A 174 3.67 6.81 27.06
N VAL A 175 4.38 5.86 26.46
CA VAL A 175 3.77 4.69 25.83
C VAL A 175 4.64 3.47 26.13
N SER A 176 4.07 2.55 26.88
CA SER A 176 4.66 1.24 27.07
C SER A 176 3.52 0.20 27.03
N PRO A 177 3.74 -1.07 26.55
CA PRO A 177 5.06 -1.59 26.15
C PRO A 177 5.51 -0.90 24.86
N GLN A 178 6.81 -0.97 24.60
CA GLN A 178 7.40 -0.57 23.32
C GLN A 178 7.37 -1.79 22.41
N PRO A 179 7.36 -1.63 21.07
CA PRO A 179 7.30 -2.78 20.17
C PRO A 179 8.39 -3.79 20.51
N SER A 180 8.10 -5.08 20.33
CA SER A 180 9.06 -6.13 20.58
C SER A 180 10.25 -6.05 19.60
N VAL A 181 10.06 -5.52 18.39
CA VAL A 181 11.13 -5.46 17.40
C VAL A 181 11.14 -4.01 16.92
N PRO A 182 12.21 -3.50 16.25
CA PRO A 182 12.17 -2.14 15.70
C PRO A 182 10.98 -1.98 14.75
N MET A 183 10.19 -0.93 14.98
CA MET A 183 8.95 -0.67 14.28
C MET A 183 9.24 -0.21 12.85
N LYS A 184 8.67 -0.88 11.85
CA LYS A 184 8.98 -0.42 10.51
C LYS A 184 7.95 0.60 10.05
N VAL A 185 8.47 1.60 9.35
CA VAL A 185 7.68 2.74 8.93
C VAL A 185 7.84 2.78 7.43
N ILE A 186 6.71 2.85 6.72
CA ILE A 186 6.79 2.95 5.28
C ILE A 186 6.04 4.17 4.83
N CYS A 187 6.38 4.65 3.64
CA CYS A 187 5.83 5.92 3.21
C CYS A 187 5.57 5.77 1.72
N ALA A 188 4.72 6.62 1.16
CA ALA A 188 4.36 6.52 -0.23
C ALA A 188 4.57 7.86 -0.93
N GLY A 189 5.67 8.55 -0.61
CA GLY A 189 5.93 9.84 -1.22
C GLY A 189 6.47 9.71 -2.65
N GLN A 190 5.89 10.50 -3.57
CA GLN A 190 6.27 10.51 -4.98
C GLN A 190 6.99 11.82 -5.27
N SER A 191 6.59 12.89 -4.59
CA SER A 191 7.17 14.20 -4.78
C SER A 191 8.59 14.26 -4.21
N ASP A 192 9.24 15.41 -4.42
CA ASP A 192 10.58 15.63 -3.90
C ASP A 192 10.54 15.60 -2.37
N ALA A 193 9.64 16.40 -1.79
CA ALA A 193 9.56 16.45 -0.33
C ALA A 193 9.20 15.07 0.22
N GLY A 194 8.34 14.36 -0.51
CA GLY A 194 7.88 13.06 -0.08
C GLY A 194 9.03 12.06 0.02
N MET A 195 9.86 12.02 -1.01
CA MET A 195 11.03 11.15 -1.08
C MET A 195 12.09 11.54 -0.05
N ALA A 196 12.26 12.84 0.19
CA ALA A 196 13.18 13.35 1.21
C ALA A 196 12.70 12.88 2.58
N PHE A 197 11.37 12.97 2.81
CA PHE A 197 10.82 12.43 4.03
C PHE A 197 11.16 10.94 4.13
N SER A 198 10.91 10.18 3.06
CA SER A 198 11.12 8.75 3.15
C SER A 198 12.59 8.44 3.38
N ALA A 199 13.48 9.10 2.62
CA ALA A 199 14.92 8.92 2.78
C ALA A 199 15.37 9.06 4.25
N ARG A 200 14.72 9.96 4.98
CA ARG A 200 15.14 10.21 6.36
C ARG A 200 14.54 9.21 7.34
N TYR A 201 13.25 8.85 7.20
CA TYR A 201 12.55 8.15 8.28
C TYR A 201 11.89 6.82 7.89
N ALA A 202 11.90 6.43 6.62
CA ALA A 202 11.11 5.26 6.24
C ALA A 202 12.04 4.08 6.05
N ASP A 203 11.49 2.85 6.09
CA ASP A 203 12.27 1.66 5.75
C ASP A 203 12.19 1.38 4.27
N PHE A 204 11.06 1.79 3.66
CA PHE A 204 10.98 1.75 2.23
C PHE A 204 9.86 2.63 1.73
N ASN A 205 9.86 2.82 0.42
CA ASN A 205 8.97 3.79 -0.19
C ASN A 205 8.12 3.07 -1.25
N PHE A 206 6.79 3.21 -1.16
CA PHE A 206 5.87 2.73 -2.17
C PHE A 206 5.78 3.73 -3.31
N CYS A 207 5.93 3.23 -4.53
CA CYS A 207 5.67 4.05 -5.70
C CYS A 207 4.77 3.31 -6.70
N PHE A 208 4.20 4.04 -7.67
CA PHE A 208 3.30 3.50 -8.69
C PHE A 208 4.08 2.82 -9.81
N GLY A 209 3.70 1.59 -10.17
CA GLY A 209 4.09 1.04 -11.46
C GLY A 209 3.49 1.87 -12.60
N LYS A 210 4.04 1.76 -13.81
CA LYS A 210 3.57 2.63 -14.88
C LYS A 210 3.19 1.85 -16.13
N GLY A 211 2.16 2.37 -16.81
CA GLY A 211 1.73 1.85 -18.09
C GLY A 211 1.18 0.43 -18.01
N VAL A 212 0.85 -0.13 -19.18
CA VAL A 212 0.31 -1.46 -19.30
C VAL A 212 1.41 -2.27 -19.96
N ASN A 213 1.84 -3.37 -19.34
CA ASN A 213 2.87 -4.21 -19.94
C ASN A 213 4.12 -3.40 -20.27
N THR A 214 4.42 -2.33 -19.51
CA THR A 214 5.71 -1.65 -19.63
C THR A 214 6.38 -1.67 -18.26
N PRO A 215 6.85 -2.85 -17.82
CA PRO A 215 7.15 -3.07 -16.42
C PRO A 215 8.21 -2.13 -15.86
N THR A 216 9.16 -1.69 -16.72
CA THR A 216 10.30 -0.95 -16.20
C THR A 216 10.10 0.55 -16.41
N ALA A 217 8.88 0.97 -16.79
CA ALA A 217 8.57 2.36 -17.04
C ALA A 217 8.64 3.25 -15.80
N PHE A 218 8.51 2.64 -14.60
CA PHE A 218 8.61 3.38 -13.34
C PHE A 218 10.08 3.69 -12.99
N ALA A 219 11.04 3.08 -13.69
CA ALA A 219 12.46 3.13 -13.34
C ALA A 219 12.99 4.52 -12.95
N PRO A 220 12.61 5.62 -13.65
CA PRO A 220 13.02 6.97 -13.25
C PRO A 220 12.59 7.37 -11.84
N THR A 221 11.40 6.93 -11.42
CA THR A 221 10.92 7.27 -10.08
C THR A 221 11.80 6.59 -9.04
N ALA A 222 12.09 5.31 -9.25
CA ALA A 222 12.94 4.54 -8.36
C ALA A 222 14.36 5.12 -8.33
N ALA A 223 14.79 5.69 -9.46
CA ALA A 223 16.11 6.32 -9.55
C ALA A 223 16.14 7.55 -8.66
N ARG A 224 15.05 8.34 -8.67
CA ARG A 224 15.03 9.53 -7.85
C ARG A 224 14.95 9.17 -6.37
N MET A 225 14.17 8.12 -6.05
CA MET A 225 14.11 7.63 -4.67
C MET A 225 15.52 7.21 -4.20
N LYS A 226 16.23 6.49 -5.07
CA LYS A 226 17.57 6.04 -4.71
C LYS A 226 18.52 7.25 -4.52
N GLN A 227 18.32 8.28 -5.31
CA GLN A 227 19.10 9.51 -5.18
C GLN A 227 18.79 10.19 -3.85
N ALA A 228 17.49 10.26 -3.47
CA ALA A 228 17.07 10.82 -2.21
C ALA A 228 17.70 10.08 -1.03
N ALA A 229 17.83 8.76 -1.16
CA ALA A 229 18.35 7.95 -0.05
C ALA A 229 19.88 8.09 0.09
N GLU A 230 20.57 8.39 -1.02
CA GLU A 230 22.00 8.71 -0.96
C GLU A 230 22.21 9.94 -0.08
N GLN A 231 21.27 10.91 -0.12
CA GLN A 231 21.39 12.13 0.66
C GLN A 231 21.29 11.92 2.16
N THR A 232 20.83 10.75 2.62
CA THR A 232 20.78 10.48 4.05
C THR A 232 21.66 9.29 4.40
N GLY A 233 22.26 8.66 3.41
CA GLY A 233 23.08 7.47 3.65
C GLY A 233 22.29 6.23 4.11
N ARG A 234 20.96 6.24 3.93
CA ARG A 234 20.15 5.13 4.44
C ARG A 234 19.68 4.24 3.30
N ASP A 235 19.42 2.96 3.60
CA ASP A 235 18.96 2.00 2.61
C ASP A 235 17.42 1.99 2.52
N VAL A 236 16.85 2.76 1.59
CA VAL A 236 15.40 2.89 1.50
C VAL A 236 14.97 2.49 0.09
N GLY A 237 14.66 1.20 -0.11
CA GLY A 237 14.26 0.71 -1.43
C GLY A 237 12.82 1.06 -1.81
N SER A 238 12.49 0.84 -3.09
CA SER A 238 11.19 1.10 -3.68
C SER A 238 10.37 -0.21 -3.73
N TYR A 239 9.08 -0.14 -3.35
CA TYR A 239 8.13 -1.21 -3.61
C TYR A 239 7.08 -0.67 -4.58
N VAL A 240 6.80 -1.43 -5.65
CA VAL A 240 6.12 -0.84 -6.80
C VAL A 240 4.72 -1.45 -6.93
N LEU A 241 3.69 -0.62 -7.05
CA LEU A 241 2.32 -1.10 -7.09
C LEU A 241 1.90 -1.47 -8.52
N PHE A 242 1.54 -2.72 -8.76
CA PHE A 242 0.95 -3.16 -10.03
C PHE A 242 -0.35 -3.93 -9.84
N MET A 243 -1.24 -3.84 -10.85
CA MET A 243 -2.34 -4.78 -10.97
C MET A 243 -1.98 -5.92 -11.91
N VAL A 244 -2.23 -7.15 -11.48
CA VAL A 244 -1.95 -8.29 -12.33
C VAL A 244 -3.27 -8.85 -12.85
N ILE A 245 -3.37 -8.96 -14.17
CA ILE A 245 -4.50 -9.59 -14.85
C ILE A 245 -3.94 -10.71 -15.68
N ALA A 246 -3.93 -11.91 -15.11
CA ALA A 246 -3.23 -13.03 -15.71
C ALA A 246 -4.22 -14.12 -16.17
N ASP A 247 -3.83 -14.89 -17.19
CA ASP A 247 -4.67 -16.02 -17.57
C ASP A 247 -3.82 -17.11 -18.20
N GLU A 248 -4.48 -18.09 -18.84
CA GLU A 248 -3.80 -19.22 -19.44
C GLU A 248 -2.96 -18.80 -20.66
N THR A 249 -3.41 -17.77 -21.39
CA THR A 249 -2.75 -17.29 -22.58
C THR A 249 -2.89 -15.79 -22.56
N ASP A 250 -2.06 -15.10 -23.35
CA ASP A 250 -2.12 -13.65 -23.48
C ASP A 250 -3.48 -13.19 -23.98
N ASP A 251 -4.03 -13.90 -24.98
CA ASP A 251 -5.30 -13.53 -25.55
C ASP A 251 -6.40 -13.47 -24.48
N ALA A 252 -6.46 -14.50 -23.63
CA ALA A 252 -7.49 -14.60 -22.59
C ALA A 252 -7.35 -13.46 -21.57
N ALA A 253 -6.11 -13.14 -21.14
CA ALA A 253 -5.90 -12.03 -20.22
C ALA A 253 -6.33 -10.71 -20.87
N ARG A 254 -5.96 -10.52 -22.14
CA ARG A 254 -6.32 -9.28 -22.81
C ARG A 254 -7.85 -9.18 -22.89
N ALA A 255 -8.53 -10.32 -23.13
CA ALA A 255 -9.99 -10.26 -23.22
C ALA A 255 -10.62 -9.84 -21.90
N LYS A 256 -10.10 -10.38 -20.78
CA LYS A 256 -10.52 -9.89 -19.47
C LYS A 256 -10.33 -8.39 -19.34
N TRP A 257 -9.11 -7.89 -19.64
CA TRP A 257 -8.78 -6.48 -19.48
C TRP A 257 -9.68 -5.58 -20.33
N GLU A 258 -9.96 -6.03 -21.56
CA GLU A 258 -10.81 -5.23 -22.44
C GLU A 258 -12.22 -5.24 -21.87
N HIS A 259 -12.66 -6.43 -21.46
CA HIS A 259 -13.96 -6.66 -20.86
C HIS A 259 -14.15 -5.70 -19.68
N TYR A 260 -13.09 -5.52 -18.85
CA TYR A 260 -13.17 -4.54 -17.76
C TYR A 260 -13.25 -3.11 -18.26
N LYS A 261 -12.39 -2.74 -19.23
CA LYS A 261 -12.42 -1.38 -19.71
C LYS A 261 -13.79 -1.07 -20.32
N ALA A 262 -14.41 -2.07 -20.96
CA ALA A 262 -15.74 -1.84 -21.54
C ALA A 262 -16.72 -1.37 -20.46
N GLY A 263 -16.71 -2.04 -19.30
CA GLY A 263 -17.72 -1.74 -18.32
C GLY A 263 -17.41 -0.49 -17.49
N ALA A 264 -16.45 0.34 -17.91
CA ALA A 264 -15.98 1.46 -17.08
C ALA A 264 -17.15 2.22 -16.47
N ASP A 265 -17.06 2.55 -15.18
CA ASP A 265 -18.13 3.27 -14.48
C ASP A 265 -17.84 4.77 -14.52
N GLU A 266 -18.22 5.41 -15.63
CA GLU A 266 -17.71 6.74 -15.93
C GLU A 266 -18.15 7.77 -14.88
N GLU A 267 -19.32 7.52 -14.29
CA GLU A 267 -19.89 8.37 -13.27
C GLU A 267 -18.95 8.44 -12.05
N ALA A 268 -18.50 7.27 -11.56
CA ALA A 268 -17.54 7.21 -10.47
C ALA A 268 -16.21 7.86 -10.88
N LEU A 269 -15.86 7.71 -12.16
CA LEU A 269 -14.58 8.15 -12.72
C LEU A 269 -14.46 9.67 -12.80
N SER A 270 -15.57 10.38 -13.02
CA SER A 270 -15.53 11.85 -13.02
C SER A 270 -15.14 12.41 -11.66
N TRP A 271 -15.54 11.74 -10.57
CA TRP A 271 -15.28 12.23 -9.23
C TRP A 271 -13.79 12.15 -8.88
N LEU A 272 -13.07 11.28 -9.59
CA LEU A 272 -11.63 11.11 -9.40
C LEU A 272 -10.90 12.36 -9.89
N THR A 273 -11.40 12.99 -10.96
CA THR A 273 -10.88 14.26 -11.45
C THR A 273 -11.46 15.38 -10.58
N ASP A 293 -1.23 1.44 -26.49
CA ASP A 293 -1.83 0.57 -25.45
C ASP A 293 -1.93 1.32 -24.11
N PRO A 294 -2.94 2.21 -23.92
CA PRO A 294 -2.92 3.13 -22.78
C PRO A 294 -3.37 2.49 -21.45
N THR A 295 -2.82 3.02 -20.34
CA THR A 295 -3.39 2.78 -19.04
C THR A 295 -4.83 3.29 -19.02
N SER A 296 -5.65 2.66 -18.18
CA SER A 296 -7.06 3.01 -18.12
C SER A 296 -7.39 3.55 -16.74
N ALA A 297 -8.37 4.45 -16.67
CA ALA A 297 -8.80 4.99 -15.40
C ALA A 297 -9.62 3.95 -14.63
N VAL A 298 -10.00 2.86 -15.30
CA VAL A 298 -10.77 1.77 -14.71
C VAL A 298 -10.02 1.21 -13.50
N ASN A 299 -8.68 1.38 -13.46
CA ASN A 299 -7.95 1.06 -12.24
C ASN A 299 -7.07 2.22 -11.79
N ILE A 300 -7.58 3.45 -11.97
CA ILE A 300 -6.91 4.69 -11.55
C ILE A 300 -5.56 4.82 -12.27
N ASN A 301 -5.52 4.36 -13.52
CA ASN A 301 -4.31 4.39 -14.36
C ASN A 301 -3.17 3.63 -13.71
N MET A 302 -3.49 2.53 -13.02
CA MET A 302 -2.46 1.80 -12.32
C MET A 302 -1.50 1.19 -13.33
N GLY A 303 -0.24 0.99 -12.93
CA GLY A 303 0.60 0.09 -13.68
C GLY A 303 -0.06 -1.28 -13.78
N THR A 304 -0.24 -1.79 -15.01
CA THR A 304 -0.99 -3.03 -15.20
C THR A 304 -0.22 -4.05 -16.03
N LEU A 305 -0.13 -5.27 -15.53
CA LEU A 305 0.50 -6.38 -16.23
C LEU A 305 -0.57 -7.39 -16.65
N VAL A 306 -0.79 -7.54 -17.98
CA VAL A 306 -1.85 -8.35 -18.58
C VAL A 306 -1.18 -9.40 -19.45
N GLY A 307 -1.32 -10.68 -19.12
CA GLY A 307 -0.77 -11.69 -19.99
C GLY A 307 -0.99 -13.10 -19.45
N SER A 308 -0.42 -14.06 -20.16
CA SER A 308 -0.38 -15.40 -19.63
C SER A 308 0.43 -15.44 -18.33
N TYR A 309 0.34 -16.55 -17.61
CA TYR A 309 1.06 -16.73 -16.36
C TYR A 309 2.55 -16.49 -16.61
N ALA A 310 3.05 -17.12 -17.68
CA ALA A 310 4.48 -17.09 -17.97
C ALA A 310 4.89 -15.68 -18.39
N SER A 311 4.00 -14.98 -19.10
CA SER A 311 4.35 -13.65 -19.54
C SER A 311 4.35 -12.66 -18.37
N VAL A 312 3.45 -12.86 -17.40
CA VAL A 312 3.43 -12.02 -16.22
C VAL A 312 4.65 -12.37 -15.35
N ALA A 313 5.04 -13.64 -15.26
CA ALA A 313 6.23 -14.01 -14.52
C ALA A 313 7.45 -13.25 -15.09
N ARG A 314 7.58 -13.30 -16.41
CA ARG A 314 8.67 -12.62 -17.10
C ARG A 314 8.63 -11.13 -16.77
N MET A 315 7.46 -10.49 -16.89
CA MET A 315 7.46 -9.05 -16.71
C MET A 315 7.81 -8.68 -15.27
N LEU A 316 7.36 -9.48 -14.29
CA LEU A 316 7.69 -9.21 -12.89
C LEU A 316 9.19 -9.39 -12.67
N ASP A 317 9.80 -10.38 -13.36
CA ASP A 317 11.25 -10.55 -13.30
C ASP A 317 11.95 -9.28 -13.78
N GLU A 318 11.39 -8.60 -14.79
CA GLU A 318 11.99 -7.37 -15.26
C GLU A 318 11.96 -6.26 -14.20
N VAL A 319 10.83 -6.11 -13.49
CA VAL A 319 10.72 -5.16 -12.37
C VAL A 319 11.87 -5.41 -11.41
N ALA A 320 12.15 -6.67 -11.11
CA ALA A 320 13.16 -7.00 -10.11
C ALA A 320 14.55 -6.51 -10.52
N SER A 321 14.73 -6.06 -11.77
CA SER A 321 16.07 -5.69 -12.22
C SER A 321 16.23 -4.17 -12.21
N VAL A 322 15.17 -3.45 -11.90
CA VAL A 322 15.21 -2.00 -11.92
C VAL A 322 16.01 -1.54 -10.70
N PRO A 323 17.03 -0.66 -10.86
CA PRO A 323 17.78 -0.17 -9.69
C PRO A 323 16.82 0.46 -8.70
N GLY A 324 16.85 -0.02 -7.45
CA GLY A 324 16.04 0.61 -6.43
C GLY A 324 14.88 -0.28 -5.99
N ALA A 325 14.44 -1.16 -6.90
CA ALA A 325 13.20 -1.88 -6.71
C ALA A 325 13.47 -3.09 -5.82
N GLU A 326 12.84 -3.12 -4.65
CA GLU A 326 13.10 -4.22 -3.74
C GLU A 326 11.87 -5.14 -3.67
N GLY A 327 10.73 -4.64 -4.14
CA GLY A 327 9.54 -5.49 -4.13
C GLY A 327 8.38 -4.90 -4.92
N VAL A 328 7.29 -5.68 -5.00
CA VAL A 328 6.08 -5.24 -5.70
C VAL A 328 4.91 -5.46 -4.75
N LEU A 329 4.00 -4.51 -4.81
CA LEU A 329 2.73 -4.63 -4.14
C LEU A 329 1.66 -4.87 -5.20
N LEU A 330 0.89 -5.96 -5.06
CA LEU A 330 0.05 -6.49 -6.12
C LEU A 330 -1.41 -6.35 -5.72
N THR A 331 -2.21 -5.76 -6.62
CA THR A 331 -3.64 -6.02 -6.71
C THR A 331 -3.93 -7.00 -7.86
N PHE A 332 -5.15 -7.54 -7.83
CA PHE A 332 -5.66 -8.52 -8.78
C PHE A 332 -7.04 -8.06 -9.23
N ASP A 333 -7.47 -8.52 -10.41
CA ASP A 333 -8.83 -8.25 -10.86
C ASP A 333 -9.80 -9.02 -9.97
N ASP A 334 -9.36 -10.22 -9.54
CA ASP A 334 -10.07 -11.09 -8.62
C ASP A 334 -9.07 -11.63 -7.62
N PHE A 335 -9.23 -11.24 -6.33
CA PHE A 335 -8.22 -11.50 -5.32
C PHE A 335 -8.11 -12.98 -4.99
N LEU A 336 -9.22 -13.67 -4.73
CA LEU A 336 -9.08 -15.05 -4.29
C LEU A 336 -8.49 -15.93 -5.38
N SER A 337 -8.97 -15.81 -6.61
CA SER A 337 -8.47 -16.71 -7.64
C SER A 337 -7.18 -16.15 -8.25
N GLY A 338 -7.00 -14.81 -8.20
CA GLY A 338 -5.75 -14.17 -8.63
C GLY A 338 -4.52 -14.54 -7.79
N ILE A 339 -4.68 -14.57 -6.46
CA ILE A 339 -3.63 -15.04 -5.57
C ILE A 339 -3.35 -16.51 -5.77
N GLU A 340 -4.42 -17.29 -5.98
CA GLU A 340 -4.30 -18.71 -6.24
C GLU A 340 -3.46 -18.95 -7.51
N THR A 341 -3.80 -18.29 -8.63
CA THR A 341 -3.09 -18.56 -9.88
C THR A 341 -1.68 -17.96 -9.81
N PHE A 342 -1.56 -16.80 -9.16
CA PHE A 342 -0.24 -16.23 -8.93
C PHE A 342 0.62 -17.28 -8.26
N GLY A 343 0.11 -17.85 -7.16
CA GLY A 343 0.91 -18.79 -6.37
C GLY A 343 1.14 -20.11 -7.10
N GLU A 344 0.15 -20.61 -7.86
CA GLU A 344 0.23 -21.91 -8.50
C GLU A 344 0.99 -21.81 -9.83
N ARG A 345 0.85 -20.71 -10.57
CA ARG A 345 1.27 -20.66 -11.97
C ARG A 345 2.32 -19.57 -12.25
N ILE A 346 2.34 -18.45 -11.51
CA ILE A 346 3.20 -17.32 -11.84
C ILE A 346 4.48 -17.44 -11.02
N GLN A 347 4.31 -17.54 -9.72
CA GLN A 347 5.43 -17.43 -8.81
C GLN A 347 6.48 -18.50 -9.10
N PRO A 348 6.11 -19.77 -9.40
CA PRO A 348 7.11 -20.82 -9.65
C PRO A 348 7.96 -20.56 -10.88
N LEU A 349 7.51 -19.69 -11.79
CA LEU A 349 8.26 -19.33 -12.97
C LEU A 349 9.16 -18.10 -12.73
N MET A 350 9.11 -17.47 -11.56
CA MET A 350 9.81 -16.22 -11.39
C MET A 350 11.21 -16.48 -10.87
N GLN A 351 12.21 -16.07 -11.65
CA GLN A 351 13.60 -16.12 -11.23
C GLN A 351 13.79 -15.46 -9.86
N CYS A 352 13.25 -14.26 -9.68
CA CYS A 352 13.45 -13.54 -8.44
C CYS A 352 12.66 -14.14 -7.28
N ARG A 353 12.09 -15.34 -7.45
CA ARG A 353 11.45 -15.93 -6.28
C ARG A 353 11.95 -17.35 -6.08
N ALA A 354 13.08 -17.68 -6.72
CA ALA A 354 13.50 -19.07 -6.75
C ALA A 354 13.94 -19.49 -5.36
N HIS A 355 14.06 -18.52 -4.44
CA HIS A 355 14.49 -18.82 -3.08
C HIS A 355 13.39 -19.47 -2.23
N LEU A 356 12.12 -19.43 -2.64
CA LEU A 356 11.02 -19.95 -1.82
C LEU A 356 11.08 -21.47 -1.72
N PRO A 357 10.52 -22.09 -0.65
CA PRO A 357 10.30 -23.54 -0.58
C PRO A 357 10.07 -24.25 -1.93
#